data_4NAC
#
_entry.id   4NAC
#
_cell.length_a   43.691
_cell.length_b   47.326
_cell.length_c   68.019
_cell.angle_alpha   90.000
_cell.angle_beta   100.240
_cell.angle_gamma   90.000
#
_symmetry.space_group_name_H-M   'P 1 21 1'
#
loop_
_entity.id
_entity.type
_entity.pdbx_description
1 polymer 'Regulation of nuclear pre-mRNA domain-containing protein 1A'
2 water water
#
_entity_poly.entity_id   1
_entity_poly.type   'polypeptide(L)'
_entity_poly.pdbx_seq_one_letter_code
;MSAFSEAALEKKLSELSNSQQSVQTLSLWLIHHRKHSRPIVTVWERELRKAKPNRKLTFLYLANDVIQNSKRKGPEFTKD
FAPVIVEAFKHVSSETDESCKKHLGRVLSIWEERSVYENDVLEQLKQALYGLEHHHHHH
;
_entity_poly.pdbx_strand_id   A,B
#
# COMPACT_ATOMS: atom_id res chain seq x y z
N PHE A 4 -9.45 3.71 -13.42
CA PHE A 4 -8.82 2.95 -12.34
C PHE A 4 -7.86 3.77 -11.48
N SER A 5 -7.98 3.64 -10.16
CA SER A 5 -6.95 4.19 -9.29
C SER A 5 -6.61 3.26 -8.14
N GLU A 6 -5.33 3.23 -7.78
CA GLU A 6 -4.88 2.43 -6.66
C GLU A 6 -5.52 2.89 -5.36
N ALA A 7 -5.74 4.20 -5.24
CA ALA A 7 -6.37 4.74 -4.04
C ALA A 7 -7.77 4.17 -3.87
N ALA A 8 -8.53 4.14 -4.95
CA ALA A 8 -9.89 3.63 -4.89
C ALA A 8 -9.85 2.14 -4.52
N LEU A 9 -8.89 1.40 -5.07
CA LEU A 9 -8.78 -0.03 -4.80
C LEU A 9 -8.44 -0.27 -3.34
N GLU A 10 -7.51 0.53 -2.83
CA GLU A 10 -7.11 0.41 -1.44
C GLU A 10 -8.33 0.64 -0.53
N LYS A 11 -9.13 1.64 -0.85
CA LYS A 11 -10.29 1.97 -0.04
C LYS A 11 -11.29 0.81 -0.04
N LYS A 12 -11.52 0.24 -1.22
CA LYS A 12 -12.48 -0.87 -1.38
C LYS A 12 -12.01 -2.12 -0.63
N LEU A 13 -10.72 -2.42 -0.74
CA LEU A 13 -10.13 -3.55 -0.02
C LEU A 13 -10.23 -3.36 1.49
N SER A 14 -10.06 -2.13 1.97
CA SER A 14 -10.09 -1.89 3.41
C SER A 14 -11.47 -2.12 4.00
N GLU A 15 -12.52 -1.92 3.18
CA GLU A 15 -13.88 -2.07 3.68
C GLU A 15 -14.54 -3.37 3.18
N LEU A 16 -13.72 -4.24 2.59
CA LEU A 16 -14.16 -5.54 2.09
C LEU A 16 -14.66 -6.45 3.23
N SER A 17 -15.78 -7.12 3.01
CA SER A 17 -16.26 -8.11 3.99
C SER A 17 -16.68 -9.38 3.26
N ASN A 18 -17.15 -10.36 4.03
CA ASN A 18 -17.52 -11.65 3.44
C ASN A 18 -18.87 -11.69 2.73
N SER A 19 -19.62 -10.60 2.76
CA SER A 19 -20.95 -10.63 2.16
C SER A 19 -20.89 -10.90 0.66
N GLN A 20 -21.95 -11.48 0.12
CA GLN A 20 -22.02 -11.71 -1.33
C GLN A 20 -21.93 -10.38 -2.11
N GLN A 21 -22.63 -9.34 -1.67
CA GLN A 21 -22.58 -8.03 -2.33
C GLN A 21 -21.17 -7.42 -2.29
N SER A 22 -20.48 -7.58 -1.17
CA SER A 22 -19.16 -6.98 -1.05
C SER A 22 -18.19 -7.60 -2.04
N VAL A 23 -18.11 -8.93 -2.06
CA VAL A 23 -17.19 -9.61 -2.96
C VAL A 23 -17.59 -9.49 -4.43
N GLN A 24 -18.87 -9.69 -4.72
CA GLN A 24 -19.35 -9.67 -6.10
C GLN A 24 -19.13 -8.32 -6.80
N THR A 25 -19.41 -7.23 -6.09
CA THR A 25 -19.29 -5.91 -6.72
C THR A 25 -17.82 -5.55 -6.96
N LEU A 26 -16.96 -5.81 -5.98
CA LEU A 26 -15.53 -5.57 -6.13
C LEU A 26 -14.93 -6.41 -7.26
N SER A 27 -15.32 -7.69 -7.32
CA SER A 27 -14.88 -8.56 -8.40
C SER A 27 -15.26 -7.97 -9.78
N LEU A 28 -16.52 -7.54 -9.93
CA LEU A 28 -16.95 -6.94 -11.20
C LEU A 28 -16.09 -5.73 -11.58
N TRP A 29 -15.79 -4.89 -10.59
CA TRP A 29 -14.99 -3.69 -10.82
C TRP A 29 -13.59 -4.08 -11.26
N LEU A 30 -13.00 -5.08 -10.58
CA LEU A 30 -11.64 -5.48 -10.88
C LEU A 30 -11.53 -6.06 -12.27
N ILE A 31 -12.49 -6.92 -12.63
CA ILE A 31 -12.52 -7.54 -13.95
C ILE A 31 -12.68 -6.48 -15.06
N HIS A 32 -13.55 -5.51 -14.81
CA HIS A 32 -13.70 -4.37 -15.71
C HIS A 32 -12.34 -3.69 -15.95
N HIS A 33 -11.55 -3.61 -14.88
CA HIS A 33 -10.26 -2.94 -14.92
C HIS A 33 -9.10 -3.90 -15.12
N ARG A 34 -9.37 -4.98 -15.85
CA ARG A 34 -8.38 -6.05 -16.03
C ARG A 34 -7.10 -5.57 -16.74
N LYS A 35 -7.20 -4.47 -17.47
CA LYS A 35 -6.00 -3.86 -18.06
C LYS A 35 -4.94 -3.53 -16.99
N HIS A 36 -5.40 -3.25 -15.77
CA HIS A 36 -4.53 -2.96 -14.63
C HIS A 36 -4.31 -4.17 -13.72
N SER A 37 -4.44 -5.38 -14.26
CA SER A 37 -4.32 -6.58 -13.41
C SER A 37 -3.01 -6.67 -12.61
N ARG A 38 -1.88 -6.25 -13.20
CA ARG A 38 -0.63 -6.37 -12.44
C ARG A 38 -0.63 -5.45 -11.22
N PRO A 39 -0.91 -4.15 -11.40
CA PRO A 39 -0.95 -3.27 -10.23
C PRO A 39 -2.03 -3.69 -9.22
N ILE A 40 -3.14 -4.21 -9.72
CA ILE A 40 -4.22 -4.69 -8.84
C ILE A 40 -3.73 -5.85 -7.95
N VAL A 41 -3.03 -6.81 -8.55
CA VAL A 41 -2.55 -7.95 -7.78
C VAL A 41 -1.52 -7.49 -6.77
N THR A 42 -0.65 -6.57 -7.18
CA THR A 42 0.36 -6.02 -6.28
C THR A 42 -0.27 -5.37 -5.06
N VAL A 43 -1.28 -4.54 -5.28
CA VAL A 43 -1.98 -3.88 -4.19
C VAL A 43 -2.72 -4.90 -3.32
N TRP A 44 -3.36 -5.88 -3.98
CA TRP A 44 -4.09 -6.93 -3.27
C TRP A 44 -3.16 -7.70 -2.31
N GLU A 45 -1.97 -8.03 -2.81
CA GLU A 45 -1.00 -8.79 -2.02
C GLU A 45 -0.53 -7.98 -0.82
N ARG A 46 -0.27 -6.70 -1.04
CA ARG A 46 0.15 -5.83 0.04
C ARG A 46 -0.93 -5.68 1.12
N GLU A 47 -2.18 -5.49 0.70
CA GLU A 47 -3.25 -5.28 1.65
C GLU A 47 -3.63 -6.58 2.35
N LEU A 48 -3.44 -7.70 1.65
CA LEU A 48 -3.63 -9.01 2.25
C LEU A 48 -2.71 -9.17 3.45
N ARG A 49 -1.44 -8.82 3.27
CA ARG A 49 -0.44 -9.01 4.32
C ARG A 49 -0.66 -8.05 5.49
N LYS A 50 -1.24 -6.89 5.19
CA LYS A 50 -1.61 -5.91 6.21
C LYS A 50 -2.87 -6.31 6.97
N ALA A 51 -3.69 -7.19 6.40
CA ALA A 51 -4.99 -7.48 6.98
C ALA A 51 -4.86 -8.34 8.24
N LYS A 52 -5.79 -8.17 9.18
CA LYS A 52 -5.81 -9.03 10.36
C LYS A 52 -6.14 -10.45 9.95
N PRO A 53 -5.64 -11.43 10.72
CA PRO A 53 -5.85 -12.85 10.39
C PRO A 53 -7.31 -13.16 10.08
N ASN A 54 -8.23 -12.66 10.89
CA ASN A 54 -9.65 -12.96 10.71
C ASN A 54 -10.24 -12.34 9.44
N ARG A 55 -9.43 -11.61 8.69
CA ARG A 55 -9.87 -10.93 7.46
C ARG A 55 -9.14 -11.48 6.23
N LYS A 56 -8.02 -12.16 6.46
CA LYS A 56 -7.18 -12.61 5.36
C LYS A 56 -7.94 -13.57 4.43
N LEU A 57 -8.77 -14.43 5.00
CA LEU A 57 -9.53 -15.36 4.18
C LEU A 57 -10.38 -14.62 3.15
N THR A 58 -10.88 -13.46 3.52
CA THR A 58 -11.72 -12.67 2.62
C THR A 58 -10.96 -12.30 1.34
N PHE A 59 -9.67 -12.04 1.48
CA PHE A 59 -8.86 -11.70 0.30
C PHE A 59 -8.75 -12.87 -0.66
N LEU A 60 -8.68 -14.07 -0.13
CA LEU A 60 -8.62 -15.27 -0.97
C LEU A 60 -9.97 -15.56 -1.63
N TYR A 61 -11.06 -15.28 -0.92
CA TYR A 61 -12.39 -15.44 -1.51
C TYR A 61 -12.54 -14.47 -2.68
N LEU A 62 -12.08 -13.24 -2.50
CA LEU A 62 -12.09 -12.27 -3.59
C LEU A 62 -11.26 -12.79 -4.77
N ALA A 63 -10.04 -13.24 -4.49
CA ALA A 63 -9.18 -13.75 -5.55
C ALA A 63 -9.85 -14.91 -6.30
N ASN A 64 -10.45 -15.82 -5.54
CA ASN A 64 -11.19 -16.93 -6.13
C ASN A 64 -12.21 -16.41 -7.14
N ASP A 65 -13.00 -15.44 -6.70
CA ASP A 65 -14.09 -14.94 -7.52
C ASP A 65 -13.54 -14.23 -8.76
N VAL A 66 -12.56 -13.36 -8.55
CA VAL A 66 -11.91 -12.64 -9.64
C VAL A 66 -11.24 -13.59 -10.64
N ILE A 67 -10.43 -14.51 -10.15
CA ILE A 67 -9.70 -15.40 -11.04
C ILE A 67 -10.67 -16.21 -11.90
N GLN A 68 -11.60 -16.90 -11.25
CA GLN A 68 -12.53 -17.75 -11.97
C GLN A 68 -13.39 -16.98 -12.94
N ASN A 69 -14.03 -15.91 -12.47
CA ASN A 69 -14.94 -15.15 -13.33
C ASN A 69 -14.23 -14.35 -14.42
N SER A 70 -12.93 -14.12 -14.25
CA SER A 70 -12.17 -13.32 -15.21
C SER A 70 -11.86 -14.13 -16.46
N LYS A 71 -11.80 -15.45 -16.31
CA LYS A 71 -11.37 -16.31 -17.41
C LYS A 71 -12.22 -16.11 -18.65
N ARG A 72 -13.49 -15.77 -18.45
CA ARG A 72 -14.42 -15.52 -19.55
C ARG A 72 -13.98 -14.33 -20.40
N LYS A 73 -13.33 -13.37 -19.75
CA LYS A 73 -12.92 -12.12 -20.39
C LYS A 73 -11.48 -12.16 -20.92
N GLY A 74 -10.62 -12.91 -20.24
CA GLY A 74 -9.23 -13.02 -20.67
C GLY A 74 -8.37 -13.69 -19.62
N PRO A 75 -7.08 -13.90 -19.94
CA PRO A 75 -6.14 -14.60 -19.07
C PRO A 75 -5.45 -13.69 -18.07
N GLU A 76 -5.77 -12.40 -18.09
CA GLU A 76 -5.05 -11.41 -17.29
C GLU A 76 -4.93 -11.81 -15.82
N PHE A 77 -6.06 -12.06 -15.16
CA PHE A 77 -5.97 -12.31 -13.72
C PHE A 77 -5.39 -13.68 -13.37
N THR A 78 -5.71 -14.69 -14.17
CA THR A 78 -5.17 -16.02 -13.93
C THR A 78 -3.65 -15.93 -13.97
N LYS A 79 -3.14 -15.26 -14.99
CA LYS A 79 -1.71 -15.15 -15.19
C LYS A 79 -1.05 -14.24 -14.16
N ASP A 80 -1.70 -13.16 -13.80
CA ASP A 80 -1.06 -12.20 -12.91
C ASP A 80 -1.16 -12.56 -11.42
N PHE A 81 -2.15 -13.37 -11.05
CA PHE A 81 -2.18 -13.91 -9.68
C PHE A 81 -1.17 -15.05 -9.53
N ALA A 82 -0.84 -15.71 -10.63
CA ALA A 82 -0.03 -16.94 -10.56
C ALA A 82 1.28 -16.80 -9.79
N PRO A 83 2.03 -15.73 -10.05
CA PRO A 83 3.32 -15.66 -9.34
C PRO A 83 3.23 -15.34 -7.86
N VAL A 84 2.07 -14.95 -7.35
CA VAL A 84 1.98 -14.57 -5.96
C VAL A 84 1.06 -15.47 -5.15
N ILE A 85 0.29 -16.31 -5.83
CA ILE A 85 -0.82 -17.01 -5.17
C ILE A 85 -0.34 -18.12 -4.22
N VAL A 86 0.73 -18.82 -4.57
CA VAL A 86 1.28 -19.82 -3.65
C VAL A 86 1.73 -19.19 -2.33
N GLU A 87 2.50 -18.12 -2.44
CA GLU A 87 2.98 -17.42 -1.26
C GLU A 87 1.81 -16.86 -0.44
N ALA A 88 0.73 -16.48 -1.12
CA ALA A 88 -0.45 -15.96 -0.45
C ALA A 88 -1.11 -17.05 0.40
N PHE A 89 -1.30 -18.24 -0.16
CA PHE A 89 -1.89 -19.34 0.62
C PHE A 89 -0.99 -19.70 1.79
N LYS A 90 0.31 -19.73 1.54
CA LYS A 90 1.27 -20.06 2.60
C LYS A 90 1.15 -19.02 3.70
N HIS A 91 1.04 -17.76 3.31
CA HIS A 91 0.94 -16.69 4.28
C HIS A 91 -0.32 -16.82 5.13
N VAL A 92 -1.46 -16.98 4.47
CA VAL A 92 -2.73 -17.05 5.18
C VAL A 92 -2.77 -18.30 6.06
N SER A 93 -2.30 -19.42 5.53
CA SER A 93 -2.22 -20.66 6.30
C SER A 93 -1.40 -20.49 7.57
N SER A 94 -0.27 -19.80 7.47
CA SER A 94 0.61 -19.60 8.64
C SER A 94 0.03 -18.64 9.69
N GLU A 95 -0.75 -17.67 9.25
CA GLU A 95 -1.21 -16.62 10.13
C GLU A 95 -2.60 -16.85 10.72
N THR A 96 -3.23 -17.96 10.37
CA THR A 96 -4.57 -18.26 10.86
C THR A 96 -4.57 -19.56 11.65
N ASP A 97 -5.63 -19.78 12.43
CA ASP A 97 -5.79 -21.00 13.21
C ASP A 97 -5.89 -22.23 12.32
N GLU A 98 -5.41 -23.36 12.83
CA GLU A 98 -5.39 -24.61 12.09
C GLU A 98 -6.71 -24.97 11.42
N SER A 99 -7.81 -24.74 12.14
CA SER A 99 -9.12 -25.09 11.62
C SER A 99 -9.51 -24.25 10.39
N CYS A 100 -8.88 -23.10 10.22
CA CYS A 100 -9.16 -22.24 9.05
C CYS A 100 -8.75 -22.94 7.75
N LYS A 101 -8.02 -24.05 7.88
CA LYS A 101 -7.65 -24.86 6.71
C LYS A 101 -8.90 -25.44 6.05
N LYS A 102 -10.00 -25.43 6.78
CA LYS A 102 -11.28 -25.85 6.22
C LYS A 102 -11.59 -24.96 5.01
N HIS A 103 -11.37 -23.67 5.18
CA HIS A 103 -11.75 -22.70 4.15
C HIS A 103 -10.73 -22.67 3.02
N LEU A 104 -9.46 -22.65 3.38
CA LEU A 104 -8.40 -22.67 2.38
C LEU A 104 -8.50 -23.94 1.54
N GLY A 105 -8.73 -25.06 2.20
CA GLY A 105 -8.84 -26.34 1.52
C GLY A 105 -10.05 -26.40 0.61
N ARG A 106 -11.14 -25.76 1.04
CA ARG A 106 -12.34 -25.69 0.21
C ARG A 106 -12.01 -24.96 -1.09
N VAL A 107 -11.40 -23.78 -0.97
CA VAL A 107 -11.01 -23.04 -2.17
C VAL A 107 -10.10 -23.86 -3.09
N LEU A 108 -9.06 -24.47 -2.51
CA LEU A 108 -8.12 -25.28 -3.28
C LEU A 108 -8.80 -26.49 -3.90
N SER A 109 -9.72 -27.09 -3.17
CA SER A 109 -10.51 -28.20 -3.70
C SER A 109 -11.31 -27.68 -4.90
N ILE A 110 -12.03 -26.57 -4.71
CA ILE A 110 -12.74 -25.92 -5.81
C ILE A 110 -11.80 -25.78 -7.01
N TRP A 111 -10.61 -25.19 -6.81
CA TRP A 111 -9.68 -24.93 -7.93
C TRP A 111 -9.18 -26.18 -8.64
N GLU A 112 -8.99 -27.26 -7.89
CA GLU A 112 -8.54 -28.50 -8.49
C GLU A 112 -9.70 -29.17 -9.24
N GLU A 113 -10.88 -29.13 -8.64
CA GLU A 113 -12.08 -29.68 -9.28
C GLU A 113 -12.49 -28.92 -10.55
N ARG A 114 -12.31 -27.60 -10.55
CA ARG A 114 -12.68 -26.76 -11.70
C ARG A 114 -11.48 -26.43 -12.61
N SER A 115 -10.33 -27.06 -12.35
CA SER A 115 -9.13 -26.87 -13.18
C SER A 115 -8.67 -25.40 -13.28
N VAL A 116 -8.63 -24.68 -12.17
CA VAL A 116 -8.37 -23.24 -12.19
C VAL A 116 -6.92 -22.86 -12.51
N TYR A 117 -5.98 -23.67 -12.04
CA TYR A 117 -4.58 -23.60 -12.45
C TYR A 117 -4.09 -25.00 -12.79
N GLU A 118 -2.90 -25.07 -13.40
CA GLU A 118 -2.28 -26.33 -13.80
C GLU A 118 -1.63 -27.08 -12.63
N ASN A 119 -1.10 -28.27 -12.93
CA ASN A 119 -0.54 -29.16 -11.93
C ASN A 119 0.57 -28.60 -11.05
N ASP A 120 1.62 -28.08 -11.69
CA ASP A 120 2.75 -27.50 -10.99
C ASP A 120 2.29 -26.52 -9.90
N VAL A 121 1.36 -25.64 -10.25
CA VAL A 121 0.82 -24.66 -9.31
C VAL A 121 -0.07 -25.28 -8.24
N LEU A 122 -0.96 -26.17 -8.64
CA LEU A 122 -1.86 -26.81 -7.69
C LEU A 122 -1.12 -27.59 -6.61
N GLU A 123 0.01 -28.20 -6.96
CA GLU A 123 0.77 -28.99 -6.00
C GLU A 123 1.53 -28.08 -5.06
N GLN A 124 2.08 -26.99 -5.60
CA GLN A 124 2.69 -25.96 -4.78
C GLN A 124 1.70 -25.40 -3.77
N LEU A 125 0.46 -25.20 -4.21
CA LEU A 125 -0.61 -24.74 -3.33
C LEU A 125 -0.90 -25.77 -2.25
N LYS A 126 -0.88 -27.05 -2.61
CA LYS A 126 -1.10 -28.14 -1.66
C LYS A 126 -0.05 -28.14 -0.57
N GLN A 127 1.20 -27.95 -0.98
CA GLN A 127 2.32 -27.87 -0.03
C GLN A 127 2.22 -26.63 0.84
N ALA A 128 1.80 -25.52 0.24
CA ALA A 128 1.69 -24.27 0.94
C ALA A 128 0.69 -24.39 2.08
N LEU A 129 -0.36 -25.15 1.84
CA LEU A 129 -1.47 -25.27 2.77
C LEU A 129 -1.20 -26.35 3.83
N TYR A 130 -0.79 -27.54 3.38
CA TYR A 130 -0.71 -28.69 4.29
C TYR A 130 0.73 -29.14 4.61
N GLY A 131 1.71 -28.51 3.95
CA GLY A 131 3.09 -28.96 3.97
C GLY A 131 3.76 -29.02 5.34
N LEU A 132 4.88 -29.74 5.40
CA LEU A 132 5.55 -29.99 6.67
C LEU A 132 6.24 -28.73 7.21
N GLU A 133 6.47 -27.75 6.35
CA GLU A 133 7.08 -26.49 6.78
C GLU A 133 6.24 -25.73 7.81
N HIS A 134 4.97 -26.11 7.96
CA HIS A 134 4.16 -25.50 9.01
C HIS A 134 4.42 -26.13 10.37
N HIS A 135 5.19 -27.22 10.40
CA HIS A 135 5.32 -28.00 11.63
C HIS A 135 6.74 -28.12 12.17
N HIS A 136 7.50 -27.04 12.06
CA HIS A 136 8.92 -27.06 12.44
C HIS A 136 9.14 -26.72 13.90
N HIS A 137 8.14 -26.08 14.51
CA HIS A 137 8.34 -25.48 15.83
C HIS A 137 7.39 -26.06 16.87
N HIS A 138 7.87 -26.21 18.10
CA HIS A 138 7.06 -26.77 19.18
C HIS A 138 5.84 -25.89 19.44
N HIS A 139 4.72 -26.51 19.79
CA HIS A 139 3.47 -25.80 20.12
C HIS A 139 2.53 -26.72 20.90
N SER B 2 -7.99 29.73 -1.07
CA SER B 2 -7.38 31.01 -1.44
C SER B 2 -6.38 31.47 -0.38
N ALA B 3 -6.83 32.29 0.57
CA ALA B 3 -5.96 32.76 1.64
C ALA B 3 -5.56 31.59 2.52
N PHE B 4 -4.40 31.71 3.16
CA PHE B 4 -3.93 30.64 4.03
C PHE B 4 -4.58 30.62 5.40
N SER B 5 -4.82 29.42 5.91
CA SER B 5 -5.13 29.23 7.31
C SER B 5 -4.88 27.77 7.62
N GLU B 6 -4.67 27.47 8.90
CA GLU B 6 -4.39 26.11 9.29
C GLU B 6 -5.60 25.22 9.05
N ALA B 7 -6.80 25.77 9.21
CA ALA B 7 -8.03 25.02 8.97
C ALA B 7 -8.18 24.66 7.49
N ALA B 8 -7.84 25.59 6.60
CA ALA B 8 -7.88 25.33 5.17
C ALA B 8 -6.92 24.21 4.83
N LEU B 9 -5.74 24.26 5.45
CA LEU B 9 -4.73 23.21 5.27
C LEU B 9 -5.22 21.89 5.83
N GLU B 10 -5.80 21.91 7.04
CA GLU B 10 -6.28 20.68 7.65
C GLU B 10 -7.31 19.99 6.75
N LYS B 11 -8.19 20.81 6.19
CA LYS B 11 -9.20 20.35 5.26
C LYS B 11 -8.58 19.72 4.00
N LYS B 12 -7.65 20.43 3.39
CA LYS B 12 -6.98 19.94 2.17
C LYS B 12 -6.23 18.64 2.45
N LEU B 13 -5.54 18.55 3.58
CA LEU B 13 -4.85 17.31 3.95
C LEU B 13 -5.82 16.15 4.21
N SER B 14 -6.99 16.43 4.77
CA SER B 14 -7.94 15.35 5.01
C SER B 14 -8.46 14.83 3.67
N GLU B 15 -8.44 15.68 2.64
CA GLU B 15 -8.89 15.28 1.31
C GLU B 15 -7.75 14.84 0.37
N LEU B 16 -6.52 14.93 0.84
CA LEU B 16 -5.35 14.59 0.04
C LEU B 16 -5.39 13.14 -0.40
N SER B 17 -5.10 12.88 -1.67
CA SER B 17 -5.01 11.51 -2.14
C SER B 17 -3.73 11.25 -2.94
N ASN B 18 -3.43 9.97 -3.10
CA ASN B 18 -2.25 9.54 -3.84
C ASN B 18 -2.56 9.58 -5.33
N SER B 19 -2.51 10.79 -5.89
CA SER B 19 -2.72 11.02 -7.32
C SER B 19 -1.92 12.24 -7.74
N GLN B 20 -1.55 12.30 -9.01
CA GLN B 20 -0.85 13.44 -9.57
C GLN B 20 -1.58 14.74 -9.24
N GLN B 21 -2.89 14.77 -9.52
CA GLN B 21 -3.63 16.02 -9.41
C GLN B 21 -3.76 16.47 -7.96
N SER B 22 -4.01 15.53 -7.06
CA SER B 22 -4.22 15.89 -5.65
C SER B 22 -2.94 16.47 -5.06
N VAL B 23 -1.84 15.79 -5.29
CA VAL B 23 -0.56 16.22 -4.75
C VAL B 23 -0.05 17.52 -5.41
N GLN B 24 -0.13 17.59 -6.74
CA GLN B 24 0.35 18.79 -7.44
C GLN B 24 -0.43 20.01 -7.00
N THR B 25 -1.74 19.88 -6.94
CA THR B 25 -2.58 21.01 -6.57
C THR B 25 -2.28 21.53 -5.17
N LEU B 26 -2.23 20.65 -4.18
CA LEU B 26 -1.96 21.08 -2.83
C LEU B 26 -0.53 21.64 -2.72
N SER B 27 0.41 20.97 -3.38
CA SER B 27 1.79 21.43 -3.38
C SER B 27 1.95 22.86 -3.88
N LEU B 28 1.26 23.21 -4.96
CA LEU B 28 1.40 24.57 -5.49
C LEU B 28 0.83 25.58 -4.50
N TRP B 29 -0.29 25.22 -3.88
CA TRP B 29 -0.93 26.10 -2.90
C TRP B 29 0.00 26.37 -1.71
N LEU B 30 0.65 25.31 -1.21
CA LEU B 30 1.61 25.45 -0.13
C LEU B 30 2.83 26.30 -0.54
N ILE B 31 3.35 26.02 -1.72
CA ILE B 31 4.50 26.76 -2.21
C ILE B 31 4.14 28.23 -2.34
N HIS B 32 2.97 28.51 -2.90
CA HIS B 32 2.47 29.89 -2.97
C HIS B 32 2.49 30.54 -1.57
N HIS B 33 2.12 29.75 -0.56
CA HIS B 33 2.03 30.23 0.82
C HIS B 33 3.27 29.92 1.65
N ARG B 34 4.44 29.92 1.00
CA ARG B 34 5.69 29.63 1.68
C ARG B 34 6.01 30.53 2.88
N LYS B 35 5.44 31.73 2.94
CA LYS B 35 5.73 32.55 4.12
C LYS B 35 5.09 31.93 5.37
N HIS B 36 4.19 30.97 5.17
CA HIS B 36 3.58 30.23 6.26
C HIS B 36 4.16 28.84 6.42
N SER B 37 5.38 28.64 5.95
CA SER B 37 5.99 27.31 5.99
C SER B 37 6.04 26.72 7.41
N ARG B 38 6.33 27.53 8.42
CA ARG B 38 6.42 26.96 9.77
C ARG B 38 5.10 26.34 10.25
N PRO B 39 4.01 27.12 10.25
CA PRO B 39 2.73 26.51 10.60
C PRO B 39 2.32 25.39 9.65
N ILE B 40 2.69 25.48 8.38
CA ILE B 40 2.34 24.42 7.43
C ILE B 40 2.98 23.10 7.85
N VAL B 41 4.26 23.16 8.20
CA VAL B 41 4.98 21.96 8.57
C VAL B 41 4.47 21.41 9.92
N THR B 42 4.17 22.30 10.85
CA THR B 42 3.63 21.87 12.13
C THR B 42 2.33 21.09 11.96
N VAL B 43 1.42 21.64 11.17
CA VAL B 43 0.16 20.97 10.88
C VAL B 43 0.33 19.68 10.09
N TRP B 44 1.22 19.70 9.10
CA TRP B 44 1.49 18.52 8.30
C TRP B 44 1.97 17.38 9.22
N GLU B 45 2.86 17.73 10.13
CA GLU B 45 3.44 16.75 11.06
C GLU B 45 2.39 16.21 12.04
N ARG B 46 1.51 17.09 12.52
CA ARG B 46 0.43 16.69 13.39
C ARG B 46 -0.53 15.73 12.68
N GLU B 47 -0.95 16.09 11.48
CA GLU B 47 -1.92 15.28 10.76
C GLU B 47 -1.28 13.99 10.26
N LEU B 48 0.01 14.04 9.99
CA LEU B 48 0.74 12.86 9.58
C LEU B 48 0.53 11.75 10.61
N ARG B 49 0.67 12.10 11.88
CA ARG B 49 0.66 11.09 12.92
C ARG B 49 -0.76 10.54 13.15
N LYS B 50 -1.77 11.37 12.88
CA LYS B 50 -3.16 10.92 12.94
C LYS B 50 -3.60 10.09 11.73
N ALA B 51 -2.94 10.28 10.59
CA ALA B 51 -3.31 9.58 9.35
C ALA B 51 -3.08 8.07 9.41
N LYS B 52 -3.94 7.32 8.72
CA LYS B 52 -3.73 5.89 8.56
C LYS B 52 -2.53 5.64 7.64
N PRO B 53 -1.95 4.43 7.68
CA PRO B 53 -0.71 4.07 6.97
C PRO B 53 -0.63 4.45 5.47
N ASN B 54 -1.56 3.98 4.63
CA ASN B 54 -1.50 4.34 3.22
C ASN B 54 -1.46 5.84 3.06
N ARG B 55 -2.21 6.50 3.92
CA ARG B 55 -2.31 7.96 3.91
C ARG B 55 -0.98 8.58 4.30
N LYS B 56 -0.32 7.99 5.28
CA LYS B 56 0.96 8.52 5.78
C LYS B 56 1.94 8.65 4.64
N LEU B 57 2.00 7.63 3.80
CA LEU B 57 2.90 7.63 2.66
C LEU B 57 2.56 8.81 1.74
N THR B 58 1.28 9.09 1.54
CA THR B 58 0.88 10.19 0.66
C THR B 58 1.37 11.54 1.21
N PHE B 59 1.37 11.67 2.53
CA PHE B 59 1.91 12.87 3.17
C PHE B 59 3.38 13.09 2.81
N LEU B 60 4.13 12.00 2.73
CA LEU B 60 5.54 12.13 2.36
C LEU B 60 5.70 12.36 0.85
N TYR B 61 4.79 11.82 0.03
CA TYR B 61 4.83 12.21 -1.40
C TYR B 61 4.59 13.71 -1.54
N LEU B 62 3.65 14.24 -0.76
CA LEU B 62 3.37 15.68 -0.76
C LEU B 62 4.62 16.45 -0.33
N ALA B 63 5.29 15.96 0.71
CA ALA B 63 6.50 16.63 1.21
C ALA B 63 7.59 16.62 0.14
N ASN B 64 7.76 15.48 -0.54
CA ASN B 64 8.68 15.40 -1.67
C ASN B 64 8.41 16.53 -2.68
N ASP B 65 7.16 16.62 -3.14
CA ASP B 65 6.77 17.58 -4.19
C ASP B 65 7.01 19.03 -3.73
N VAL B 66 6.46 19.38 -2.57
CA VAL B 66 6.69 20.69 -1.99
C VAL B 66 8.18 21.01 -1.84
N ILE B 67 8.94 20.14 -1.18
CA ILE B 67 10.35 20.44 -0.92
C ILE B 67 11.11 20.68 -2.23
N GLN B 68 10.99 19.75 -3.17
CA GLN B 68 11.69 19.88 -4.44
C GLN B 68 11.21 21.09 -5.27
N ASN B 69 9.90 21.24 -5.41
CA ASN B 69 9.36 22.32 -6.22
C ASN B 69 9.46 23.72 -5.60
N SER B 70 9.64 23.80 -4.27
CA SER B 70 9.76 25.09 -3.59
C SER B 70 11.14 25.75 -3.78
N LYS B 71 12.15 24.94 -4.12
CA LYS B 71 13.53 25.40 -4.20
C LYS B 71 13.73 26.73 -4.93
N ARG B 72 13.19 26.82 -6.14
CA ARG B 72 13.37 28.02 -6.97
C ARG B 72 12.59 29.20 -6.41
N LYS B 73 11.64 28.92 -5.52
CA LYS B 73 10.92 29.98 -4.84
C LYS B 73 11.66 30.48 -3.60
N GLY B 74 12.26 29.57 -2.86
CA GLY B 74 12.96 29.94 -1.63
C GLY B 74 13.33 28.73 -0.80
N PRO B 75 14.11 28.94 0.27
CA PRO B 75 14.59 27.85 1.10
C PRO B 75 13.62 27.49 2.23
N GLU B 76 12.47 28.17 2.31
CA GLU B 76 11.58 28.04 3.48
C GLU B 76 11.19 26.60 3.78
N PHE B 77 10.70 25.90 2.77
CA PHE B 77 10.23 24.54 3.01
C PHE B 77 11.38 23.57 3.25
N THR B 78 12.48 23.77 2.55
CA THR B 78 13.65 22.92 2.78
C THR B 78 14.08 23.05 4.24
N LYS B 79 14.21 24.29 4.70
CA LYS B 79 14.63 24.58 6.06
C LYS B 79 13.61 24.13 7.12
N ASP B 80 12.34 24.38 6.87
CA ASP B 80 11.35 24.09 7.91
C ASP B 80 10.93 22.63 7.98
N PHE B 81 11.11 21.88 6.90
CA PHE B 81 10.88 20.44 6.96
C PHE B 81 12.06 19.75 7.62
N ALA B 82 13.24 20.38 7.54
CA ALA B 82 14.48 19.73 7.98
C ALA B 82 14.45 19.20 9.43
N PRO B 83 13.89 19.99 10.37
CA PRO B 83 13.84 19.57 11.77
C PRO B 83 12.90 18.40 12.05
N VAL B 84 11.98 18.08 11.14
CA VAL B 84 10.98 17.07 11.41
C VAL B 84 10.99 15.90 10.44
N ILE B 85 11.72 16.03 9.33
CA ILE B 85 11.58 15.06 8.25
C ILE B 85 12.17 13.71 8.61
N VAL B 86 13.28 13.71 9.35
CA VAL B 86 13.87 12.45 9.82
C VAL B 86 12.89 11.65 10.67
N GLU B 87 12.35 12.31 11.69
CA GLU B 87 11.38 11.70 12.58
C GLU B 87 10.11 11.29 11.84
N ALA B 88 9.76 12.04 10.79
CA ALA B 88 8.63 11.66 9.97
C ALA B 88 8.91 10.34 9.24
N PHE B 89 10.10 10.20 8.66
CA PHE B 89 10.46 8.93 8.01
C PHE B 89 10.49 7.75 8.99
N LYS B 90 11.04 7.99 10.18
CA LYS B 90 11.05 6.96 11.22
C LYS B 90 9.62 6.56 11.63
N HIS B 91 8.73 7.54 11.71
CA HIS B 91 7.35 7.26 12.10
C HIS B 91 6.62 6.44 11.04
N VAL B 92 6.72 6.87 9.78
CA VAL B 92 6.04 6.14 8.72
C VAL B 92 6.60 4.73 8.59
N SER B 93 7.90 4.60 8.83
CA SER B 93 8.57 3.32 8.71
C SER B 93 8.12 2.33 9.78
N SER B 94 7.79 2.84 10.97
CA SER B 94 7.30 1.99 12.06
C SER B 94 5.96 1.35 11.69
N GLU B 95 5.05 2.16 11.16
CA GLU B 95 3.72 1.71 10.72
C GLU B 95 3.76 1.16 9.29
N THR B 96 4.77 0.34 8.99
CA THR B 96 5.10 0.04 7.61
C THR B 96 5.57 -1.39 7.33
N ASP B 97 5.23 -1.87 6.13
CA ASP B 97 5.69 -3.16 5.63
C ASP B 97 6.85 -2.96 4.65
N GLU B 98 7.33 -4.05 4.04
CA GLU B 98 8.45 -3.96 3.12
C GLU B 98 8.12 -3.14 1.87
N SER B 99 6.89 -3.31 1.38
CA SER B 99 6.43 -2.52 0.25
C SER B 99 6.55 -1.04 0.58
N CYS B 100 6.03 -0.66 1.73
CA CYS B 100 6.06 0.74 2.08
C CYS B 100 7.49 1.22 2.23
N LYS B 101 8.35 0.38 2.78
CA LYS B 101 9.74 0.74 2.97
C LYS B 101 10.39 1.07 1.64
N LYS B 102 10.09 0.28 0.62
CA LYS B 102 10.70 0.51 -0.68
C LYS B 102 10.22 1.83 -1.32
N HIS B 103 8.96 2.20 -1.07
CA HIS B 103 8.46 3.46 -1.62
C HIS B 103 9.19 4.63 -0.98
N LEU B 104 9.35 4.58 0.34
CA LEU B 104 10.11 5.59 1.05
C LEU B 104 11.56 5.60 0.56
N GLY B 105 12.13 4.42 0.32
CA GLY B 105 13.48 4.31 -0.18
C GLY B 105 13.62 4.95 -1.55
N ARG B 106 12.56 4.85 -2.37
CA ARG B 106 12.60 5.51 -3.67
C ARG B 106 12.72 7.03 -3.51
N VAL B 107 11.93 7.59 -2.60
CA VAL B 107 12.01 9.03 -2.35
C VAL B 107 13.41 9.42 -1.89
N LEU B 108 13.93 8.69 -0.91
CA LEU B 108 15.27 8.96 -0.39
C LEU B 108 16.34 8.89 -1.47
N SER B 109 16.28 7.86 -2.30
CA SER B 109 17.23 7.69 -3.40
C SER B 109 17.12 8.84 -4.41
N ILE B 110 15.89 9.31 -4.64
CA ILE B 110 15.69 10.49 -5.48
C ILE B 110 16.30 11.71 -4.82
N TRP B 111 16.10 11.86 -3.50
CA TRP B 111 16.64 13.00 -2.78
C TRP B 111 18.18 12.98 -2.79
N GLU B 112 18.75 11.80 -2.68
CA GLU B 112 20.20 11.67 -2.75
C GLU B 112 20.68 12.07 -4.14
N GLU B 113 20.07 11.47 -5.17
CA GLU B 113 20.46 11.74 -6.55
C GLU B 113 20.34 13.22 -6.93
N ARG B 114 19.32 13.89 -6.41
CA ARG B 114 19.05 15.27 -6.78
C ARG B 114 19.56 16.27 -5.73
N SER B 115 20.29 15.74 -4.73
CA SER B 115 20.86 16.57 -3.66
C SER B 115 19.81 17.47 -2.99
N VAL B 116 18.68 16.89 -2.62
CA VAL B 116 17.57 17.65 -2.05
C VAL B 116 17.90 18.11 -0.64
N TYR B 117 18.71 17.29 0.04
CA TYR B 117 19.27 17.61 1.35
C TYR B 117 20.74 17.24 1.35
N GLU B 118 21.49 17.81 2.30
CA GLU B 118 22.91 17.52 2.45
C GLU B 118 23.13 16.10 2.97
N ASN B 119 24.33 15.57 2.73
CA ASN B 119 24.65 14.19 3.10
C ASN B 119 24.35 13.90 4.56
N ASP B 120 24.62 14.86 5.43
CA ASP B 120 24.37 14.72 6.86
C ASP B 120 22.92 14.32 7.12
N VAL B 121 21.98 15.03 6.49
CA VAL B 121 20.56 14.74 6.66
C VAL B 121 20.18 13.44 5.93
N LEU B 122 20.64 13.29 4.70
CA LEU B 122 20.41 12.07 3.95
C LEU B 122 20.81 10.85 4.79
N GLU B 123 21.92 10.95 5.50
CA GLU B 123 22.37 9.84 6.34
C GLU B 123 21.41 9.58 7.51
N GLN B 124 20.92 10.64 8.14
CA GLN B 124 19.96 10.46 9.21
C GLN B 124 18.70 9.79 8.69
N LEU B 125 18.30 10.15 7.47
CA LEU B 125 17.09 9.61 6.84
C LEU B 125 17.20 8.11 6.59
N LYS B 126 18.34 7.67 6.04
CA LYS B 126 18.65 6.24 5.90
C LYS B 126 18.54 5.49 7.22
N GLN B 127 19.15 6.04 8.26
CA GLN B 127 19.10 5.41 9.58
C GLN B 127 17.66 5.31 10.10
N ALA B 128 16.86 6.35 9.86
CA ALA B 128 15.46 6.34 10.27
C ALA B 128 14.65 5.29 9.49
N LEU B 129 14.94 5.18 8.20
CA LEU B 129 14.15 4.31 7.33
C LEU B 129 14.54 2.86 7.54
N TYR B 130 15.83 2.57 7.49
CA TYR B 130 16.33 1.19 7.56
C TYR B 130 16.63 0.73 8.99
N GLY B 131 16.99 1.66 9.87
CA GLY B 131 17.29 1.32 11.25
C GLY B 131 18.78 1.15 11.49
N LEU B 132 19.59 1.91 10.74
CA LEU B 132 21.04 1.92 10.95
C LEU B 132 21.39 2.55 12.30
#